data_1AEM
#
_entry.id   1AEM
#
_cell.length_a   108.000
_cell.length_b   77.300
_cell.length_c   51.800
_cell.angle_alpha   90.00
_cell.angle_beta   90.00
_cell.angle_gamma   90.00
#
_symmetry.space_group_name_H-M   'P 21 21 21'
#
loop_
_entity.id
_entity.type
_entity.pdbx_description
1 polymer 'CYTOCHROME C PEROXIDASE'
2 non-polymer 'PROTOPORPHYRIN IX CONTAINING FE'
3 non-polymer IMIDAZO[1,2-A]PYRIDINE
4 water water
#
_entity_poly.entity_id   1
_entity_poly.type   'polypeptide(L)'
_entity_poly.pdbx_seq_one_letter_code
;MKTLVHVASVEKGRSYEDFQKVYNAIALKLREDDEYDNYIGYGPVLVRLAWHISGTWDKHDNTGGSYGGTYRFKKEFNDP
SNAGLQNGFKFLEPIHKEFPWISSGDLFSLGGVTAVQEMQGPKIPWRCGRVDTPEDTTPDNGRLPDADKDAGYVRTFFQR
LNMNDREVVALMGAHALGKTHLKNSGYEGPGGAANNVFTNEFYLNLLNEDWKLEKNDANNEQWDSKSGYMMLPTDYSLIQ
DPKYLSIVKEYANDQDKFFKDFSKAFEKLLEDGITFPKDAPSPFIFKTLEEQGL
;
_entity_poly.pdbx_strand_id   A
#
loop_
_chem_comp.id
_chem_comp.type
_chem_comp.name
_chem_comp.formula
HEM non-polymer 'PROTOPORPHYRIN IX CONTAINING FE' 'C34 H32 Fe N4 O4'
MPI non-polymer IMIDAZO[1,2-A]PYRIDINE 'C7 H7 N2 1'
#
# COMPACT_ATOMS: atom_id res chain seq x y z
N LEU A 4 3.79 -21.25 12.45
CA LEU A 4 3.36 -20.02 13.12
C LEU A 4 1.88 -19.69 12.99
N VAL A 5 1.11 -19.68 14.08
CA VAL A 5 -0.30 -19.32 13.97
C VAL A 5 -0.50 -17.97 14.62
N HIS A 6 -1.27 -17.13 13.95
CA HIS A 6 -1.53 -15.79 14.44
C HIS A 6 -3.01 -15.56 14.47
N VAL A 7 -3.56 -15.58 15.69
CA VAL A 7 -5.00 -15.43 15.78
C VAL A 7 -5.41 -14.00 16.13
N ALA A 8 -6.29 -13.48 15.30
CA ALA A 8 -6.87 -12.17 15.50
C ALA A 8 -7.64 -12.04 16.82
N SER A 9 -7.29 -11.07 17.66
CA SER A 9 -7.93 -10.81 18.95
C SER A 9 -8.50 -9.39 19.02
N VAL A 10 -9.82 -9.17 18.94
CA VAL A 10 -10.37 -7.81 18.97
C VAL A 10 -9.95 -7.08 20.24
N GLU A 11 -9.43 -5.86 20.06
CA GLU A 11 -9.10 -4.97 21.19
C GLU A 11 -10.26 -4.91 22.20
N LYS A 12 -10.00 -5.02 23.51
CA LYS A 12 -11.10 -5.23 24.46
C LYS A 12 -12.27 -4.27 24.47
N GLY A 13 -13.39 -4.88 24.18
CA GLY A 13 -14.67 -4.18 24.20
C GLY A 13 -14.87 -3.22 23.05
N ARG A 14 -13.92 -3.11 22.12
CA ARG A 14 -14.10 -2.23 20.97
C ARG A 14 -15.04 -2.78 19.89
N SER A 15 -15.76 -1.94 19.18
CA SER A 15 -16.65 -2.35 18.08
C SER A 15 -16.54 -1.36 16.89
N TYR A 16 -17.38 -1.46 15.86
CA TYR A 16 -17.35 -0.56 14.73
C TYR A 16 -17.18 0.93 14.98
N GLU A 17 -17.93 1.46 15.92
CA GLU A 17 -17.91 2.90 16.20
C GLU A 17 -16.57 3.44 16.68
N ASP A 18 -15.81 2.61 17.40
CA ASP A 18 -14.48 2.98 17.89
C ASP A 18 -13.49 3.15 16.76
N PHE A 19 -13.50 2.20 15.84
CA PHE A 19 -12.60 2.21 14.69
C PHE A 19 -13.01 3.29 13.68
N GLN A 20 -14.31 3.55 13.53
CA GLN A 20 -14.76 4.65 12.68
C GLN A 20 -14.28 5.98 13.28
N LYS A 21 -14.14 6.09 14.62
CA LYS A 21 -13.53 7.28 15.21
C LYS A 21 -12.05 7.40 14.85
N VAL A 22 -11.29 6.30 14.88
CA VAL A 22 -9.89 6.32 14.45
C VAL A 22 -9.78 6.64 12.94
N TYR A 23 -10.56 6.01 12.06
CA TYR A 23 -10.68 6.39 10.65
C TYR A 23 -10.85 7.92 10.47
N ASN A 24 -11.92 8.48 11.07
CA ASN A 24 -12.18 9.90 10.98
C ASN A 24 -11.04 10.76 11.45
N ALA A 25 -10.33 10.36 12.49
CA ALA A 25 -9.16 11.09 12.94
C ALA A 25 -8.04 11.17 11.89
N ILE A 26 -7.69 10.02 11.30
CA ILE A 26 -6.70 9.93 10.21
C ILE A 26 -7.15 10.79 9.01
N ALA A 27 -8.40 10.62 8.58
CA ALA A 27 -8.99 11.34 7.46
C ALA A 27 -9.08 12.85 7.63
N LEU A 28 -9.32 13.29 8.86
CA LEU A 28 -9.33 14.71 9.20
C LEU A 28 -7.92 15.27 9.15
N LYS A 29 -6.94 14.50 9.62
CA LYS A 29 -5.56 14.98 9.54
C LYS A 29 -5.02 14.94 8.09
N LEU A 30 -5.47 14.00 7.23
CA LEU A 30 -5.11 13.99 5.81
C LEU A 30 -5.56 15.26 5.08
N ARG A 31 -6.70 15.78 5.47
CA ARG A 31 -7.25 17.03 4.94
C ARG A 31 -6.49 18.26 5.48
N GLU A 32 -6.16 18.22 6.75
CA GLU A 32 -5.42 19.29 7.42
C GLU A 32 -3.97 19.41 6.99
N ASP A 33 -3.17 18.35 7.03
CA ASP A 33 -1.78 18.41 6.61
C ASP A 33 -1.55 18.18 5.11
N ASP A 34 -2.15 19.04 4.30
CA ASP A 34 -2.15 18.98 2.84
C ASP A 34 -0.93 19.45 2.03
N GLU A 35 -0.06 20.17 2.71
CA GLU A 35 1.15 20.72 2.10
C GLU A 35 2.30 19.76 1.86
N TYR A 36 2.29 18.65 2.62
CA TYR A 36 3.31 17.61 2.50
C TYR A 36 3.68 17.16 1.07
N ASP A 37 4.99 17.06 0.77
CA ASP A 37 5.48 16.62 -0.54
C ASP A 37 4.90 17.42 -1.72
N ASN A 38 5.12 18.74 -1.63
CA ASN A 38 4.59 19.68 -2.60
C ASN A 38 3.14 19.54 -2.98
N TYR A 39 2.36 19.56 -1.91
CA TYR A 39 0.92 19.44 -1.94
C TYR A 39 0.32 18.16 -2.45
N ILE A 40 1.10 17.06 -2.48
CA ILE A 40 0.50 15.75 -2.74
C ILE A 40 -0.32 15.30 -1.52
N GLY A 41 0.21 15.64 -0.35
CA GLY A 41 -0.37 15.25 0.92
C GLY A 41 0.09 13.86 1.36
N TYR A 42 -0.29 13.41 2.54
CA TYR A 42 0.12 12.12 3.08
C TYR A 42 -0.50 10.84 2.61
N GLY A 43 -1.59 10.87 1.85
CA GLY A 43 -2.25 9.65 1.40
C GLY A 43 -1.36 8.61 0.71
N PRO A 44 -0.64 8.92 -0.36
CA PRO A 44 0.22 7.93 -1.05
C PRO A 44 1.26 7.29 -0.11
N VAL A 45 2.05 8.01 0.71
CA VAL A 45 3.00 7.38 1.63
C VAL A 45 2.29 6.48 2.66
N LEU A 46 1.03 6.79 3.01
CA LEU A 46 0.30 5.91 3.93
C LEU A 46 -0.14 4.64 3.21
N VAL A 47 -0.54 4.64 1.91
CA VAL A 47 -0.84 3.31 1.36
C VAL A 47 0.50 2.56 1.10
N ARG A 48 1.62 3.25 0.86
CA ARG A 48 2.90 2.55 0.75
C ARG A 48 3.33 1.90 2.08
N LEU A 49 3.11 2.60 3.21
CA LEU A 49 3.41 2.05 4.53
C LEU A 49 2.55 0.79 4.79
N ALA A 50 1.26 0.80 4.49
CA ALA A 50 0.44 -0.38 4.72
C ALA A 50 0.89 -1.55 3.83
N TRP A 51 1.35 -1.28 2.59
CA TRP A 51 1.87 -2.34 1.73
C TRP A 51 3.21 -2.88 2.26
N HIS A 52 4.18 -2.07 2.66
CA HIS A 52 5.46 -2.57 3.18
C HIS A 52 5.36 -3.28 4.53
N ILE A 53 4.44 -2.97 5.46
CA ILE A 53 4.34 -3.77 6.68
C ILE A 53 3.66 -5.11 6.35
N SER A 54 2.87 -5.24 5.30
CA SER A 54 2.27 -6.52 4.90
C SER A 54 3.14 -7.35 3.97
N GLY A 55 3.94 -6.66 3.15
CA GLY A 55 4.76 -7.26 2.11
C GLY A 55 5.91 -8.12 2.61
N THR A 56 6.18 -8.11 3.91
CA THR A 56 7.19 -8.99 4.51
C THR A 56 6.70 -10.40 4.73
N TRP A 57 5.43 -10.68 4.48
CA TRP A 57 4.91 -12.00 4.76
C TRP A 57 5.55 -13.07 3.92
N ASP A 58 5.71 -14.24 4.51
CA ASP A 58 6.12 -15.39 3.74
C ASP A 58 5.14 -16.53 3.94
N LYS A 59 4.38 -16.92 2.91
CA LYS A 59 3.42 -18.01 2.98
C LYS A 59 3.91 -19.37 3.46
N HIS A 60 5.21 -19.58 3.35
CA HIS A 60 5.80 -20.89 3.70
C HIS A 60 5.91 -21.13 5.20
N ASP A 61 6.25 -20.13 5.99
CA ASP A 61 6.35 -20.29 7.45
C ASP A 61 5.51 -19.29 8.26
N ASN A 62 4.66 -18.54 7.57
CA ASN A 62 3.79 -17.50 8.13
C ASN A 62 4.48 -16.44 8.97
N THR A 63 5.76 -16.19 8.69
CA THR A 63 6.49 -15.08 9.32
C THR A 63 6.31 -13.75 8.55
N GLY A 64 6.61 -12.61 9.15
CA GLY A 64 6.31 -11.32 8.55
C GLY A 64 4.81 -11.01 8.51
N GLY A 65 4.41 -10.09 7.64
CA GLY A 65 2.98 -9.78 7.53
C GLY A 65 2.57 -8.67 8.49
N SER A 66 1.34 -8.18 8.30
CA SER A 66 0.86 -7.06 9.08
C SER A 66 0.47 -7.29 10.56
N TYR A 67 0.21 -8.53 10.95
CA TYR A 67 -0.21 -8.90 12.30
C TYR A 67 0.58 -8.30 13.47
N GLY A 68 1.88 -8.44 13.50
CA GLY A 68 2.68 -8.07 14.64
C GLY A 68 3.03 -6.61 14.84
N GLY A 69 2.83 -5.74 13.85
CA GLY A 69 3.18 -4.34 13.98
C GLY A 69 4.65 -4.06 14.23
N THR A 70 5.48 -4.95 13.71
CA THR A 70 6.93 -4.94 13.96
C THR A 70 7.78 -3.87 13.32
N TYR A 71 7.15 -3.08 12.44
CA TYR A 71 7.77 -1.87 11.86
C TYR A 71 8.13 -0.83 12.95
N ARG A 72 7.47 -0.88 14.12
CA ARG A 72 7.85 -0.02 15.25
C ARG A 72 9.27 -0.35 15.79
N PHE A 73 9.84 -1.53 15.47
CA PHE A 73 11.21 -1.88 15.86
C PHE A 73 12.30 -1.43 14.90
N LYS A 74 13.45 -0.99 15.44
CA LYS A 74 14.58 -0.46 14.65
C LYS A 74 15.01 -1.25 13.39
N LYS A 75 15.10 -2.59 13.47
CA LYS A 75 15.46 -3.43 12.34
C LYS A 75 14.54 -3.21 11.13
N GLU A 76 13.24 -3.26 11.31
CA GLU A 76 12.33 -3.01 10.21
C GLU A 76 12.21 -1.53 9.91
N PHE A 77 12.24 -0.64 10.89
CA PHE A 77 12.16 0.81 10.63
C PHE A 77 13.33 1.35 9.79
N ASN A 78 14.47 0.74 10.03
CA ASN A 78 15.70 1.07 9.34
C ASN A 78 16.05 0.23 8.11
N ASP A 79 15.14 -0.63 7.67
CA ASP A 79 15.31 -1.33 6.41
C ASP A 79 15.51 -0.29 5.30
N PRO A 80 16.55 -0.36 4.44
CA PRO A 80 16.76 0.58 3.31
C PRO A 80 15.56 0.65 2.38
N SER A 81 14.85 -0.49 2.24
CA SER A 81 13.63 -0.54 1.42
C SER A 81 12.49 0.32 1.97
N ASN A 82 12.49 0.65 3.25
CA ASN A 82 11.45 1.48 3.86
C ASN A 82 11.81 2.97 3.91
N ALA A 83 12.94 3.38 3.33
CA ALA A 83 13.34 4.78 3.37
C ALA A 83 12.26 5.74 2.87
N GLY A 84 11.98 6.75 3.68
CA GLY A 84 10.90 7.68 3.38
C GLY A 84 9.61 7.32 4.12
N LEU A 85 9.40 6.09 4.58
CA LEU A 85 8.18 5.75 5.32
C LEU A 85 8.11 6.30 6.76
N GLN A 86 9.23 6.81 7.29
CA GLN A 86 9.25 7.48 8.59
C GLN A 86 8.29 8.64 8.61
N ASN A 87 8.05 9.29 7.46
CA ASN A 87 7.04 10.34 7.32
C ASN A 87 5.61 9.87 7.48
N GLY A 88 5.27 8.65 7.06
CA GLY A 88 3.95 8.11 7.33
C GLY A 88 3.84 7.74 8.82
N PHE A 89 4.86 7.14 9.43
CA PHE A 89 4.88 6.84 10.87
C PHE A 89 4.66 8.07 11.79
N LYS A 90 5.42 9.13 11.54
CA LYS A 90 5.27 10.38 12.27
C LYS A 90 3.91 11.03 12.07
N PHE A 91 3.25 10.86 10.91
CA PHE A 91 1.87 11.30 10.69
C PHE A 91 0.90 10.53 11.60
N LEU A 92 1.06 9.22 11.70
CA LEU A 92 0.19 8.41 12.51
C LEU A 92 0.44 8.48 14.00
N GLU A 93 1.63 8.88 14.45
CA GLU A 93 1.97 8.91 15.86
C GLU A 93 1.09 9.79 16.73
N PRO A 94 0.73 11.05 16.44
CA PRO A 94 -0.40 11.74 17.03
C PRO A 94 -1.72 10.99 17.22
N ILE A 95 -2.18 10.26 16.21
CA ILE A 95 -3.42 9.50 16.29
C ILE A 95 -3.28 8.30 17.25
N HIS A 96 -2.10 7.68 17.35
CA HIS A 96 -1.92 6.57 18.28
C HIS A 96 -1.90 7.08 19.71
N LYS A 97 -1.35 8.27 19.92
CA LYS A 97 -1.41 8.90 21.22
C LYS A 97 -2.84 9.16 21.64
N GLU A 98 -3.68 9.59 20.71
CA GLU A 98 -5.10 9.83 20.95
C GLU A 98 -5.94 8.55 21.14
N PHE A 99 -5.62 7.44 20.46
CA PHE A 99 -6.32 6.18 20.64
C PHE A 99 -5.32 5.09 21.02
N PRO A 100 -4.81 5.08 22.27
CA PRO A 100 -3.69 4.25 22.66
C PRO A 100 -4.08 2.77 22.75
N TRP A 101 -5.37 2.50 22.75
CA TRP A 101 -5.91 1.14 22.71
C TRP A 101 -5.76 0.38 21.38
N ILE A 102 -5.65 1.04 20.20
CA ILE A 102 -5.49 0.27 18.95
C ILE A 102 -4.07 -0.30 18.82
N SER A 103 -3.94 -1.54 18.37
CA SER A 103 -2.61 -2.12 18.11
C SER A 103 -1.86 -1.46 16.93
N SER A 104 -0.55 -1.58 16.86
CA SER A 104 0.23 -1.01 15.77
C SER A 104 -0.12 -1.59 14.41
N GLY A 105 -0.21 -2.91 14.24
CA GLY A 105 -0.61 -3.53 12.97
C GLY A 105 -1.92 -3.02 12.42
N ASP A 106 -2.87 -2.89 13.35
CA ASP A 106 -4.19 -2.33 13.00
C ASP A 106 -4.15 -0.88 12.61
N LEU A 107 -3.40 -0.04 13.34
CA LEU A 107 -3.31 1.37 12.97
C LEU A 107 -2.60 1.58 11.60
N PHE A 108 -1.44 0.91 11.35
CA PHE A 108 -0.73 0.97 10.07
C PHE A 108 -1.62 0.41 8.95
N SER A 109 -2.35 -0.71 9.12
CA SER A 109 -3.23 -1.11 8.02
C SER A 109 -4.47 -0.24 7.75
N LEU A 110 -5.12 0.29 8.81
CA LEU A 110 -6.26 1.19 8.66
C LEU A 110 -5.85 2.54 8.06
N GLY A 111 -4.64 3.05 8.30
CA GLY A 111 -4.11 4.24 7.62
C GLY A 111 -4.09 4.10 6.09
N GLY A 112 -3.67 2.92 5.59
CA GLY A 112 -3.71 2.59 4.17
C GLY A 112 -5.14 2.52 3.66
N VAL A 113 -6.06 1.87 4.39
CA VAL A 113 -7.48 1.84 4.00
C VAL A 113 -8.11 3.23 3.91
N THR A 114 -7.81 4.05 4.92
CA THR A 114 -8.35 5.40 5.01
C THR A 114 -7.87 6.30 3.89
N ALA A 115 -6.57 6.26 3.58
CA ALA A 115 -5.98 7.02 2.48
C ALA A 115 -6.59 6.71 1.12
N VAL A 116 -6.76 5.43 0.78
CA VAL A 116 -7.40 5.01 -0.48
C VAL A 116 -8.84 5.49 -0.61
N GLN A 117 -9.67 5.27 0.39
CA GLN A 117 -11.06 5.76 0.34
C GLN A 117 -11.16 7.29 0.36
N GLU A 118 -10.33 7.98 1.14
CA GLU A 118 -10.37 9.42 1.14
C GLU A 118 -9.83 10.02 -0.17
N MET A 119 -8.94 9.32 -0.91
CA MET A 119 -8.49 9.78 -2.23
C MET A 119 -9.43 9.28 -3.31
N GLN A 120 -10.68 8.98 -2.98
CA GLN A 120 -11.75 8.40 -3.78
C GLN A 120 -11.62 7.12 -4.55
N GLY A 121 -10.87 6.26 -3.88
CA GLY A 121 -10.70 4.91 -4.30
C GLY A 121 -11.93 4.10 -3.99
N PRO A 122 -11.89 2.79 -4.23
CA PRO A 122 -12.98 1.91 -3.84
C PRO A 122 -13.04 1.72 -2.29
N LYS A 123 -14.19 1.32 -1.72
CA LYS A 123 -14.24 0.95 -0.29
C LYS A 123 -13.35 -0.26 -0.01
N ILE A 124 -12.52 -0.34 1.03
CA ILE A 124 -11.77 -1.57 1.32
C ILE A 124 -12.35 -2.20 2.62
N PRO A 125 -13.10 -3.32 2.66
CA PRO A 125 -13.41 -4.05 3.89
C PRO A 125 -12.17 -4.23 4.75
N TRP A 126 -12.23 -3.90 6.04
CA TRP A 126 -11.11 -4.03 6.96
C TRP A 126 -11.56 -4.76 8.23
N ARG A 127 -10.67 -5.60 8.70
CA ARG A 127 -10.93 -6.40 9.88
C ARG A 127 -9.98 -6.08 11.01
N CYS A 128 -10.49 -5.97 12.27
CA CYS A 128 -9.63 -5.72 13.42
C CYS A 128 -9.00 -6.87 14.15
N GLY A 129 -8.00 -6.65 15.01
CA GLY A 129 -7.55 -7.81 15.75
C GLY A 129 -6.10 -8.20 15.67
N ARG A 130 -5.30 -7.44 14.96
CA ARG A 130 -3.86 -7.65 14.94
C ARG A 130 -3.35 -7.38 16.34
N VAL A 131 -2.32 -8.08 16.78
CA VAL A 131 -1.80 -7.99 18.11
C VAL A 131 -0.30 -7.70 18.07
N ASP A 132 0.20 -6.68 18.78
CA ASP A 132 1.63 -6.46 18.80
C ASP A 132 2.45 -7.62 19.33
N THR A 133 3.53 -7.92 18.62
CA THR A 133 4.38 -9.04 18.99
C THR A 133 5.79 -8.55 19.32
N PRO A 134 6.68 -9.30 19.99
CA PRO A 134 7.97 -8.81 20.51
C PRO A 134 9.02 -8.45 19.49
N GLU A 135 10.02 -7.62 19.80
CA GLU A 135 11.07 -7.27 18.85
C GLU A 135 11.74 -8.44 18.12
N ASP A 136 11.84 -9.58 18.78
CA ASP A 136 12.41 -10.79 18.19
C ASP A 136 11.59 -11.44 17.08
N THR A 137 10.32 -11.06 16.95
CA THR A 137 9.46 -11.51 15.84
C THR A 137 9.63 -10.65 14.56
N THR A 138 10.34 -9.51 14.67
CA THR A 138 10.64 -8.64 13.54
C THR A 138 11.32 -9.36 12.39
N PRO A 139 10.76 -9.43 11.18
CA PRO A 139 11.41 -10.06 10.04
C PRO A 139 12.71 -9.36 9.65
N ASP A 140 13.69 -10.12 9.15
CA ASP A 140 14.90 -9.47 8.64
C ASP A 140 14.74 -8.64 7.37
N ASN A 141 15.55 -7.60 7.20
CA ASN A 141 15.65 -6.87 5.95
C ASN A 141 15.78 -7.72 4.69
N GLY A 142 15.34 -7.22 3.54
CA GLY A 142 15.47 -7.97 2.30
C GLY A 142 14.26 -8.77 1.82
N ARG A 143 13.05 -8.54 2.37
CA ARG A 143 11.87 -9.28 1.90
C ARG A 143 11.00 -8.52 0.94
N LEU A 144 11.32 -7.25 0.82
CA LEU A 144 10.61 -6.37 -0.11
C LEU A 144 11.28 -6.28 -1.50
N PRO A 145 10.54 -6.01 -2.59
CA PRO A 145 11.04 -6.22 -3.95
C PRO A 145 11.98 -5.14 -4.49
N ASP A 146 12.91 -5.54 -5.35
CA ASP A 146 13.73 -4.57 -6.06
C ASP A 146 12.99 -3.94 -7.24
N ALA A 147 13.31 -2.72 -7.63
CA ALA A 147 12.64 -2.03 -8.73
C ALA A 147 13.24 -2.17 -10.13
N ASP A 148 14.49 -2.55 -10.13
CA ASP A 148 15.27 -2.67 -11.33
C ASP A 148 15.17 -4.03 -11.99
N LYS A 149 14.07 -4.75 -11.87
CA LYS A 149 14.06 -6.09 -12.41
C LYS A 149 12.98 -6.26 -13.46
N ASP A 150 12.73 -7.48 -13.92
CA ASP A 150 11.76 -7.71 -14.99
C ASP A 150 10.50 -8.47 -14.58
N ALA A 151 9.60 -8.73 -15.53
CA ALA A 151 8.35 -9.47 -15.26
C ALA A 151 8.45 -10.83 -14.58
N GLY A 152 9.44 -11.65 -14.93
CA GLY A 152 9.62 -12.94 -14.28
C GLY A 152 9.96 -12.78 -12.78
N TYR A 153 10.75 -11.75 -12.46
CA TYR A 153 11.08 -11.42 -11.09
C TYR A 153 9.83 -11.00 -10.30
N VAL A 154 9.05 -10.06 -10.81
CA VAL A 154 7.77 -9.67 -10.20
C VAL A 154 6.85 -10.88 -10.01
N ARG A 155 6.67 -11.77 -10.98
CA ARG A 155 5.78 -12.91 -10.83
C ARG A 155 6.23 -13.83 -9.74
N THR A 156 7.53 -14.09 -9.73
CA THR A 156 8.17 -14.98 -8.77
C THR A 156 8.14 -14.40 -7.38
N PHE A 157 8.56 -13.14 -7.22
CA PHE A 157 8.47 -12.47 -5.90
C PHE A 157 7.06 -12.55 -5.31
N PHE A 158 6.02 -12.23 -6.07
CA PHE A 158 4.66 -12.21 -5.53
C PHE A 158 4.02 -13.56 -5.26
N GLN A 159 4.60 -14.63 -5.79
CA GLN A 159 4.16 -15.98 -5.40
C GLN A 159 4.44 -16.22 -3.91
N ARG A 160 5.49 -15.60 -3.32
CA ARG A 160 5.77 -15.73 -1.90
C ARG A 160 4.64 -15.16 -1.01
N LEU A 161 3.89 -14.16 -1.49
CA LEU A 161 2.73 -13.56 -0.80
C LEU A 161 1.42 -14.12 -1.38
N ASN A 162 1.48 -15.34 -1.93
CA ASN A 162 0.54 -15.77 -2.97
C ASN A 162 -0.63 -15.01 -3.54
N MET A 163 -0.04 -14.15 -4.33
CA MET A 163 -0.76 -13.30 -5.27
C MET A 163 -0.51 -13.87 -6.70
N ASN A 164 -1.58 -13.95 -7.48
CA ASN A 164 -1.49 -14.43 -8.83
C ASN A 164 -1.35 -13.26 -9.81
N ASP A 165 -1.38 -13.48 -11.14
CA ASP A 165 -1.09 -12.38 -12.08
C ASP A 165 -2.07 -11.24 -12.02
N ARG A 166 -3.32 -11.64 -11.89
CA ARG A 166 -4.39 -10.66 -11.81
C ARG A 166 -4.30 -9.74 -10.58
N GLU A 167 -4.03 -10.38 -9.43
CA GLU A 167 -3.84 -9.71 -8.17
C GLU A 167 -2.64 -8.79 -8.21
N VAL A 168 -1.50 -9.26 -8.73
CA VAL A 168 -0.31 -8.41 -8.91
C VAL A 168 -0.58 -7.18 -9.79
N VAL A 169 -1.25 -7.34 -10.94
CA VAL A 169 -1.51 -6.19 -11.83
C VAL A 169 -2.48 -5.20 -11.18
N ALA A 170 -3.54 -5.71 -10.51
CA ALA A 170 -4.46 -4.85 -9.77
C ALA A 170 -3.72 -4.10 -8.65
N LEU A 171 -2.95 -4.75 -7.79
CA LEU A 171 -2.09 -4.06 -6.82
C LEU A 171 -1.16 -2.98 -7.39
N MET A 172 -0.43 -3.22 -8.49
CA MET A 172 0.47 -2.22 -9.09
C MET A 172 -0.17 -0.91 -9.55
N GLY A 173 -1.47 -0.87 -9.82
CA GLY A 173 -2.25 0.32 -10.17
C GLY A 173 -2.14 1.42 -9.11
N ALA A 174 -1.80 1.07 -7.87
CA ALA A 174 -1.47 2.02 -6.79
C ALA A 174 -0.24 2.90 -7.08
N HIS A 175 0.65 2.47 -7.98
CA HIS A 175 1.74 3.33 -8.43
C HIS A 175 1.29 4.53 -9.25
N ALA A 176 0.01 4.72 -9.60
CA ALA A 176 -0.47 6.03 -10.10
C ALA A 176 -0.39 7.13 -9.04
N LEU A 177 -0.35 6.73 -7.76
CA LEU A 177 -0.30 7.61 -6.60
C LEU A 177 1.08 8.08 -6.22
N GLY A 178 1.23 9.34 -5.79
CA GLY A 178 2.48 9.86 -5.26
C GLY A 178 3.60 9.96 -6.27
N LYS A 179 4.82 9.62 -5.86
CA LYS A 179 5.94 9.71 -6.79
C LYS A 179 7.16 9.00 -6.25
N THR A 180 8.16 8.78 -7.09
CA THR A 180 9.42 8.29 -6.56
C THR A 180 10.29 9.50 -6.23
N HIS A 181 11.08 9.33 -5.19
CA HIS A 181 11.91 10.40 -4.63
C HIS A 181 13.32 9.89 -4.70
N LEU A 182 14.20 10.57 -5.46
CA LEU A 182 15.59 10.10 -5.65
C LEU A 182 16.35 9.80 -4.36
N LYS A 183 16.22 10.65 -3.34
CA LYS A 183 16.96 10.40 -2.11
C LYS A 183 16.41 9.22 -1.29
N ASN A 184 15.19 8.73 -1.55
CA ASN A 184 14.71 7.52 -0.88
C ASN A 184 15.05 6.23 -1.61
N SER A 185 14.81 6.24 -2.92
CA SER A 185 14.98 5.04 -3.74
C SER A 185 15.95 5.04 -4.93
N GLY A 186 16.51 6.19 -5.31
CA GLY A 186 17.37 6.27 -6.49
C GLY A 186 16.56 6.35 -7.78
N TYR A 187 15.26 6.65 -7.67
CA TYR A 187 14.38 6.88 -8.80
C TYR A 187 13.68 8.20 -8.64
N GLU A 188 13.33 8.92 -9.69
CA GLU A 188 12.71 10.22 -9.54
C GLU A 188 11.56 10.53 -10.51
N GLY A 189 10.46 11.06 -9.97
CA GLY A 189 9.34 11.52 -10.78
C GLY A 189 7.97 10.90 -10.45
N PRO A 190 6.87 11.48 -10.91
CA PRO A 190 5.53 10.94 -10.78
C PRO A 190 5.15 10.10 -11.97
N GLY A 191 4.09 9.31 -11.89
CA GLY A 191 3.68 8.44 -12.98
C GLY A 191 2.47 8.97 -13.72
N GLY A 192 2.02 10.17 -13.39
CA GLY A 192 0.80 10.65 -13.98
C GLY A 192 0.44 12.02 -13.45
N ALA A 193 -0.63 12.60 -13.99
CA ALA A 193 -1.09 13.90 -13.56
C ALA A 193 -1.92 13.86 -12.28
N ALA A 194 -2.84 12.90 -12.10
CA ALA A 194 -3.65 12.80 -10.89
C ALA A 194 -2.93 11.92 -9.86
N ASN A 195 -1.92 12.44 -9.20
CA ASN A 195 -1.25 11.54 -8.26
C ASN A 195 -1.62 11.57 -6.77
N ASN A 196 -2.77 12.18 -6.45
CA ASN A 196 -3.36 12.00 -5.12
C ASN A 196 -4.88 11.82 -5.23
N VAL A 197 -5.33 11.35 -6.38
CA VAL A 197 -6.72 10.93 -6.56
C VAL A 197 -6.59 9.49 -7.04
N PHE A 198 -7.28 8.49 -6.49
CA PHE A 198 -7.21 7.10 -6.93
C PHE A 198 -7.96 6.86 -8.27
N THR A 199 -7.27 6.61 -9.38
CA THR A 199 -7.90 6.32 -10.69
C THR A 199 -7.23 5.15 -11.42
N ASN A 200 -7.67 4.66 -12.60
CA ASN A 200 -6.88 3.67 -13.35
C ASN A 200 -5.83 4.25 -14.34
N GLU A 201 -5.44 5.51 -14.16
CA GLU A 201 -4.41 6.20 -14.96
C GLU A 201 -3.05 5.51 -15.10
N PHE A 202 -2.58 4.70 -14.15
CA PHE A 202 -1.35 3.96 -14.31
C PHE A 202 -1.41 3.09 -15.57
N TYR A 203 -2.54 2.44 -15.79
CA TYR A 203 -2.72 1.56 -16.93
C TYR A 203 -2.84 2.34 -18.24
N LEU A 204 -3.60 3.43 -18.19
CA LEU A 204 -3.72 4.32 -19.35
C LEU A 204 -2.39 4.93 -19.80
N ASN A 205 -1.57 5.41 -18.87
CA ASN A 205 -0.26 5.98 -19.18
C ASN A 205 0.74 4.96 -19.69
N LEU A 206 0.74 3.78 -19.11
CA LEU A 206 1.59 2.69 -19.56
C LEU A 206 1.32 2.37 -21.04
N LEU A 207 0.05 2.24 -21.43
CA LEU A 207 -0.31 1.96 -22.81
C LEU A 207 -0.29 3.18 -23.74
N ASN A 208 -0.53 4.41 -23.29
CA ASN A 208 -0.58 5.54 -24.20
C ASN A 208 0.59 6.49 -24.26
N GLU A 209 1.53 6.45 -23.35
CA GLU A 209 2.65 7.35 -23.43
C GLU A 209 3.77 6.75 -24.25
N ASP A 210 4.62 7.68 -24.65
CA ASP A 210 5.81 7.38 -25.43
C ASP A 210 6.96 7.21 -24.46
N TRP A 211 7.27 6.00 -24.05
CA TRP A 211 8.33 5.83 -23.06
C TRP A 211 9.75 5.74 -23.58
N LYS A 212 10.69 6.36 -22.89
CA LYS A 212 12.09 6.41 -23.26
C LYS A 212 12.99 5.90 -22.16
N LEU A 213 13.80 4.86 -22.33
CA LEU A 213 14.69 4.39 -21.28
C LEU A 213 15.85 5.37 -21.04
N GLU A 214 15.85 6.11 -19.93
CA GLU A 214 16.94 7.01 -19.60
C GLU A 214 17.69 6.76 -18.29
N LYS A 215 18.79 7.41 -18.02
CA LYS A 215 19.47 7.21 -16.75
C LYS A 215 19.27 8.46 -15.92
N ASN A 216 18.86 8.27 -14.67
CA ASN A 216 18.63 9.38 -13.75
C ASN A 216 19.88 9.81 -12.94
N ASP A 217 19.84 10.87 -12.14
CA ASP A 217 21.00 11.33 -11.39
C ASP A 217 21.62 10.40 -10.36
N ALA A 218 20.88 9.38 -9.96
CA ALA A 218 21.39 8.34 -9.07
C ALA A 218 22.02 7.19 -9.85
N ASN A 219 22.08 7.38 -11.18
CA ASN A 219 22.62 6.45 -12.18
C ASN A 219 21.85 5.17 -12.40
N ASN A 220 20.56 5.29 -12.14
CA ASN A 220 19.66 4.18 -12.36
C ASN A 220 18.85 4.39 -13.61
N GLU A 221 18.55 3.32 -14.32
CA GLU A 221 17.65 3.44 -15.45
C GLU A 221 16.17 3.45 -15.08
N GLN A 222 15.44 4.30 -15.75
CA GLN A 222 13.99 4.37 -15.62
C GLN A 222 13.33 4.78 -16.94
N TRP A 223 12.06 4.42 -17.12
CA TRP A 223 11.33 4.79 -18.30
C TRP A 223 10.69 6.17 -18.19
N ASP A 224 11.11 7.10 -19.05
CA ASP A 224 10.63 8.48 -19.03
C ASP A 224 9.77 8.91 -20.20
N SER A 225 8.79 9.77 -20.01
CA SER A 225 7.95 10.22 -21.10
C SER A 225 8.03 11.71 -21.31
N LYS A 226 7.68 12.15 -22.52
CA LYS A 226 7.63 13.59 -22.88
C LYS A 226 6.78 14.44 -21.93
N SER A 227 5.71 13.85 -21.43
CA SER A 227 4.82 14.52 -20.49
C SER A 227 5.40 14.79 -19.13
N GLY A 228 6.59 14.30 -18.81
CA GLY A 228 7.16 14.47 -17.46
C GLY A 228 6.88 13.30 -16.48
N TYR A 229 6.35 12.19 -16.98
CA TYR A 229 6.06 11.02 -16.15
C TYR A 229 7.20 10.03 -16.23
N MET A 230 7.25 9.12 -15.28
CA MET A 230 8.27 8.11 -15.25
C MET A 230 7.65 6.79 -14.84
N MET A 231 8.26 5.68 -15.23
CA MET A 231 7.85 4.35 -14.82
C MET A 231 9.12 3.63 -14.38
N LEU A 232 8.99 2.80 -13.34
CA LEU A 232 10.12 1.97 -12.87
C LEU A 232 10.32 0.79 -13.84
N PRO A 233 11.49 0.12 -13.92
CA PRO A 233 11.68 -1.08 -14.72
C PRO A 233 10.65 -2.14 -14.43
N THR A 234 10.39 -2.45 -13.13
CA THR A 234 9.32 -3.39 -12.79
C THR A 234 7.94 -2.93 -13.15
N ASP A 235 7.67 -1.62 -13.25
CA ASP A 235 6.37 -1.13 -13.75
C ASP A 235 6.12 -1.34 -15.24
N TYR A 236 7.16 -1.02 -16.01
CA TYR A 236 7.14 -1.18 -17.47
C TYR A 236 7.07 -2.65 -17.91
N SER A 237 7.61 -3.52 -17.04
CA SER A 237 7.47 -4.98 -17.11
C SER A 237 6.10 -5.51 -17.43
N LEU A 238 5.08 -4.79 -16.95
CA LEU A 238 3.71 -5.23 -17.13
C LEU A 238 3.22 -5.15 -18.56
N ILE A 239 3.82 -4.27 -19.40
CA ILE A 239 3.44 -4.31 -20.81
C ILE A 239 4.42 -5.18 -21.61
N GLN A 240 5.55 -5.61 -21.04
CA GLN A 240 6.46 -6.53 -21.70
C GLN A 240 6.02 -8.00 -21.65
N ASP A 241 5.24 -8.39 -20.67
CA ASP A 241 4.84 -9.78 -20.54
C ASP A 241 3.47 -9.96 -21.16
N PRO A 242 3.14 -10.95 -21.99
CA PRO A 242 1.81 -11.11 -22.59
C PRO A 242 0.67 -11.38 -21.62
N LYS A 243 0.82 -12.18 -20.55
CA LYS A 243 -0.27 -12.40 -19.57
C LYS A 243 -0.61 -11.09 -18.83
N TYR A 244 0.42 -10.42 -18.28
CA TYR A 244 0.26 -9.12 -17.65
C TYR A 244 -0.31 -8.06 -18.57
N LEU A 245 0.25 -7.91 -19.79
CA LEU A 245 -0.26 -6.94 -20.74
C LEU A 245 -1.74 -7.11 -21.01
N SER A 246 -2.31 -8.30 -21.21
CA SER A 246 -3.77 -8.29 -21.42
C SER A 246 -4.59 -7.95 -20.17
N ILE A 247 -4.11 -8.09 -18.92
CA ILE A 247 -4.88 -7.59 -17.78
C ILE A 247 -4.76 -6.05 -17.70
N VAL A 248 -3.58 -5.45 -17.97
CA VAL A 248 -3.39 -3.99 -18.10
C VAL A 248 -4.41 -3.36 -19.02
N LYS A 249 -4.59 -3.96 -20.21
CA LYS A 249 -5.61 -3.49 -21.14
C LYS A 249 -7.04 -3.59 -20.59
N GLU A 250 -7.32 -4.65 -19.84
CA GLU A 250 -8.62 -4.80 -19.22
C GLU A 250 -8.90 -3.67 -18.21
N TYR A 251 -7.91 -3.33 -17.39
CA TYR A 251 -8.09 -2.23 -16.44
C TYR A 251 -7.98 -0.83 -17.04
N ALA A 252 -7.28 -0.61 -18.16
CA ALA A 252 -7.36 0.67 -18.83
C ALA A 252 -8.71 0.81 -19.53
N ASN A 253 -9.38 -0.28 -19.91
CA ASN A 253 -10.72 -0.19 -20.48
C ASN A 253 -11.93 -0.30 -19.56
N ASP A 254 -11.71 -0.49 -18.25
CA ASP A 254 -12.81 -0.65 -17.30
C ASP A 254 -12.37 -0.23 -15.88
N GLN A 255 -12.59 1.02 -15.50
CA GLN A 255 -12.21 1.48 -14.16
C GLN A 255 -12.94 0.84 -12.96
N ASP A 256 -14.22 0.47 -13.11
CA ASP A 256 -14.97 -0.26 -12.11
C ASP A 256 -14.42 -1.67 -11.79
N LYS A 257 -14.06 -2.48 -12.80
CA LYS A 257 -13.38 -3.77 -12.62
C LYS A 257 -12.05 -3.54 -11.91
N PHE A 258 -11.20 -2.58 -12.35
CA PHE A 258 -10.00 -2.22 -11.60
C PHE A 258 -10.30 -1.95 -10.10
N PHE A 259 -11.20 -1.02 -9.78
CA PHE A 259 -11.58 -0.74 -8.40
C PHE A 259 -12.03 -1.99 -7.60
N LYS A 260 -12.87 -2.83 -8.18
CA LYS A 260 -13.33 -4.06 -7.56
C LYS A 260 -12.22 -5.08 -7.27
N ASP A 261 -11.32 -5.27 -8.25
CA ASP A 261 -10.18 -6.16 -8.05
C ASP A 261 -9.10 -5.61 -7.16
N PHE A 262 -8.87 -4.30 -7.15
CA PHE A 262 -7.90 -3.71 -6.23
C PHE A 262 -8.31 -3.93 -4.75
N SER A 263 -9.60 -3.65 -4.51
CA SER A 263 -10.24 -3.79 -3.20
C SER A 263 -10.07 -5.18 -2.60
N LYS A 264 -10.38 -6.22 -3.39
CA LYS A 264 -10.09 -7.58 -2.96
C LYS A 264 -8.63 -7.92 -2.76
N ALA A 265 -7.71 -7.50 -3.63
CA ALA A 265 -6.30 -7.84 -3.44
C ALA A 265 -5.60 -7.04 -2.35
N PHE A 266 -6.02 -5.79 -2.09
CA PHE A 266 -5.45 -4.99 -0.99
C PHE A 266 -5.96 -5.53 0.37
N GLU A 267 -7.22 -5.93 0.51
CA GLU A 267 -7.70 -6.55 1.74
C GLU A 267 -6.93 -7.84 1.98
N LYS A 268 -6.83 -8.69 0.95
CA LYS A 268 -6.09 -9.95 1.06
C LYS A 268 -4.65 -9.69 1.47
N LEU A 269 -4.01 -8.68 0.87
CA LEU A 269 -2.65 -8.28 1.24
C LEU A 269 -2.50 -7.99 2.75
N LEU A 270 -3.48 -7.22 3.23
CA LEU A 270 -3.49 -6.73 4.61
C LEU A 270 -3.84 -7.81 5.63
N GLU A 271 -4.51 -8.86 5.18
CA GLU A 271 -4.93 -9.99 6.00
C GLU A 271 -4.10 -11.24 5.96
N ASP A 272 -3.16 -11.36 5.00
CA ASP A 272 -2.27 -12.52 4.92
C ASP A 272 -1.58 -12.84 6.27
N GLY A 273 -1.68 -14.12 6.66
CA GLY A 273 -1.06 -14.59 7.91
C GLY A 273 -1.97 -14.63 9.14
N ILE A 274 -3.07 -13.92 9.10
CA ILE A 274 -3.99 -13.83 10.21
C ILE A 274 -5.16 -14.83 10.12
N THR A 275 -5.31 -15.53 11.25
CA THR A 275 -6.42 -16.45 11.48
C THR A 275 -7.51 -15.70 12.22
N PHE A 276 -8.68 -15.59 11.61
CA PHE A 276 -9.82 -14.96 12.25
C PHE A 276 -10.77 -16.06 12.78
N PRO A 277 -10.98 -16.24 14.10
CA PRO A 277 -11.99 -17.14 14.70
C PRO A 277 -13.43 -17.01 14.18
N LYS A 278 -14.33 -18.01 14.09
CA LYS A 278 -15.64 -17.74 13.48
C LYS A 278 -16.60 -16.83 14.25
N ASP A 279 -16.31 -16.60 15.51
CA ASP A 279 -17.06 -15.62 16.30
C ASP A 279 -16.48 -14.21 16.20
N ALA A 280 -15.45 -14.02 15.38
CA ALA A 280 -14.88 -12.70 15.19
C ALA A 280 -15.89 -11.83 14.41
N PRO A 281 -15.96 -10.49 14.58
CA PRO A 281 -16.87 -9.67 13.81
C PRO A 281 -16.58 -9.66 12.30
N SER A 282 -17.63 -9.43 11.53
CA SER A 282 -17.47 -9.19 10.11
C SER A 282 -16.50 -8.06 9.77
N PRO A 283 -15.99 -8.00 8.54
CA PRO A 283 -15.22 -6.87 8.09
C PRO A 283 -16.02 -5.59 8.15
N PHE A 284 -15.39 -4.53 8.62
CA PHE A 284 -16.03 -3.22 8.64
C PHE A 284 -15.92 -2.49 7.30
N ILE A 285 -16.95 -1.80 6.85
CA ILE A 285 -16.88 -0.92 5.70
C ILE A 285 -17.00 0.50 6.29
N PHE A 286 -15.95 1.31 6.36
CA PHE A 286 -16.05 2.66 6.91
C PHE A 286 -16.55 3.72 5.97
N LYS A 287 -17.39 4.58 6.49
CA LYS A 287 -17.85 5.71 5.72
C LYS A 287 -16.78 6.77 5.56
N THR A 288 -16.78 7.45 4.43
CA THR A 288 -15.83 8.53 4.26
C THR A 288 -16.28 9.85 4.96
N LEU A 289 -15.42 10.83 5.21
CA LEU A 289 -15.88 12.12 5.75
C LEU A 289 -17.00 12.75 4.91
N GLU A 290 -16.84 12.61 3.60
CA GLU A 290 -17.83 13.09 2.64
C GLU A 290 -19.18 12.39 2.82
N GLU A 291 -19.23 11.08 2.96
CA GLU A 291 -20.53 10.43 3.17
C GLU A 291 -21.15 10.78 4.54
N GLN A 292 -20.30 11.21 5.47
CA GLN A 292 -20.71 11.66 6.78
C GLN A 292 -21.04 13.14 6.87
N GLY A 293 -20.78 13.92 5.82
CA GLY A 293 -20.95 15.37 5.83
C GLY A 293 -19.97 16.09 6.76
N LEU A 294 -18.86 15.44 7.07
CA LEU A 294 -17.84 15.97 7.94
C LEU A 294 -16.73 16.74 7.25
CHA HEM B . 6.49 4.04 -4.25
CHB HEM B . 8.74 0.09 -5.67
CHC HEM B . 4.65 -2.36 -5.46
CHD HEM B . 2.53 1.48 -3.55
C1A HEM B . 7.52 3.20 -4.74
C2A HEM B . 8.85 3.56 -4.90
C3A HEM B . 9.49 2.40 -5.31
C4A HEM B . 8.52 1.43 -5.37
CMA HEM B . 10.96 2.23 -5.62
CAA HEM B . 9.47 4.93 -4.64
CBA HEM B . 9.76 5.21 -3.17
CGA HEM B . 10.29 6.60 -2.96
O1A HEM B . 11.27 7.01 -3.56
O2A HEM B . 9.74 7.35 -2.19
C1B HEM B . 7.84 -0.96 -5.75
C2B HEM B . 8.17 -2.22 -6.21
C3B HEM B . 6.96 -2.92 -6.24
C4B HEM B . 6.00 -2.06 -5.71
CMB HEM B . 9.59 -2.58 -6.66
CAB HEM B . 6.64 -4.20 -6.72
CBB HEM B . 7.50 -5.12 -7.46
C1C HEM B . 3.69 -1.56 -4.81
C2C HEM B . 2.42 -1.99 -4.45
C3C HEM B . 1.84 -0.88 -3.78
C4C HEM B . 2.77 0.15 -3.89
CMC HEM B . 1.93 -3.45 -4.62
CAC HEM B . 0.61 -0.70 -3.12
CBC HEM B . -0.57 -1.57 -3.17
C1D HEM B . 3.36 2.61 -3.68
C2D HEM B . 2.98 3.93 -3.47
C3D HEM B . 4.14 4.68 -3.67
C4D HEM B . 5.13 3.75 -4.00
CMD HEM B . 1.58 4.46 -3.15
CAD HEM B . 4.26 6.19 -3.57
CBD HEM B . 4.92 6.64 -2.29
CGD HEM B . 5.08 8.16 -2.14
O1D HEM B . 5.83 8.58 -1.26
O2D HEM B . 4.50 8.93 -2.86
NA HEM B . 7.32 1.92 -5.10
NB HEM B . 6.55 -0.88 -5.43
NC HEM B . 3.91 -0.30 -4.40
ND HEM B . 4.63 2.53 -4.08
FE HEM B . 5.60 0.84 -4.76
N1 MPI C . 5.17 5.92 -9.32
C2 MPI C . 5.70 4.66 -9.56
C3 MPI C . 6.06 3.82 -8.51
C4 MPI C . 5.88 4.28 -7.23
C5 MPI C . 5.34 5.58 -6.99
C6 MPI C . 4.99 6.39 -8.05
N7 MPI C . 5.74 4.52 -10.92
C8 MPI C . 5.26 5.67 -11.53
C9 MPI C . 4.90 6.54 -10.55
H3 MPI C . 6.46 2.84 -8.72
H4 MPI C . 6.14 3.66 -6.38
H5 MPI C . 5.20 5.94 -5.98
H6 MPI C . 4.59 7.38 -7.95
HN7 MPI C . 6.08 3.70 -11.39
H8 MPI C . 5.20 5.76 -12.60
H9 MPI C . 4.49 7.54 -10.60
#